data_1XRD
#
_entry.id   1XRD
#
_entity_poly.entity_id   1
_entity_poly.type   'polypeptide(L)'
_entity_poly.pdbx_seq_one_letter_code
;MWRIWQLFDPRQALVGLATFLFVLALLIHFILLSTERFNWLEGASTKPVQTS
;
_entity_poly.pdbx_strand_id   A
#
# COMPACT_ATOMS: atom_id res chain seq x y z
N MET A 1 -23.98 -22.21 -2.84
CA MET A 1 -25.41 -21.83 -2.99
C MET A 1 -25.67 -21.25 -4.38
N TRP A 2 -25.77 -22.13 -5.37
CA TRP A 2 -26.01 -21.72 -6.75
C TRP A 2 -25.15 -20.52 -7.15
N ARG A 3 -23.97 -20.43 -6.55
CA ARG A 3 -23.03 -19.34 -6.83
C ARG A 3 -23.74 -17.99 -6.87
N ILE A 4 -24.82 -17.86 -6.10
CA ILE A 4 -25.59 -16.61 -6.06
C ILE A 4 -25.94 -16.14 -7.46
N TRP A 5 -26.45 -17.05 -8.29
CA TRP A 5 -26.84 -16.75 -9.67
C TRP A 5 -25.93 -15.69 -10.29
N GLN A 6 -24.63 -15.76 -9.96
CA GLN A 6 -23.63 -14.83 -10.48
C GLN A 6 -24.20 -13.43 -10.67
N LEU A 7 -25.08 -13.03 -9.75
CA LEU A 7 -25.70 -11.70 -9.81
C LEU A 7 -24.81 -10.67 -9.14
N PHE A 8 -24.68 -10.77 -7.83
CA PHE A 8 -23.85 -9.85 -7.06
C PHE A 8 -23.08 -10.58 -5.97
N ASP A 9 -21.97 -11.20 -6.35
CA ASP A 9 -21.15 -11.93 -5.39
C ASP A 9 -19.78 -12.28 -5.99
N PRO A 10 -19.76 -12.97 -7.14
CA PRO A 10 -18.49 -13.37 -7.79
C PRO A 10 -17.59 -12.16 -8.07
N ARG A 11 -18.10 -11.21 -8.83
CA ARG A 11 -17.34 -10.01 -9.17
C ARG A 11 -16.89 -9.27 -7.92
N GLN A 12 -17.83 -9.04 -7.00
CA GLN A 12 -17.53 -8.34 -5.76
C GLN A 12 -16.47 -9.09 -4.96
N ALA A 13 -16.52 -10.42 -5.02
CA ALA A 13 -15.56 -11.25 -4.30
C ALA A 13 -14.15 -11.05 -4.83
N LEU A 14 -14.02 -11.06 -6.16
CA LEU A 14 -12.71 -10.87 -6.78
C LEU A 14 -12.21 -9.46 -6.54
N VAL A 15 -13.13 -8.50 -6.52
CA VAL A 15 -12.78 -7.11 -6.28
C VAL A 15 -12.36 -6.92 -4.83
N GLY A 16 -12.89 -7.76 -3.95
CA GLY A 16 -12.55 -7.67 -2.53
C GLY A 16 -11.16 -8.18 -2.24
N LEU A 17 -10.87 -9.37 -2.75
CA LEU A 17 -9.55 -9.98 -2.55
C LEU A 17 -8.48 -9.13 -3.21
N ALA A 18 -8.67 -8.93 -4.51
CA ALA A 18 -7.73 -8.15 -5.30
C ALA A 18 -7.49 -6.76 -4.70
N THR A 19 -8.57 -6.07 -4.36
CA THR A 19 -8.47 -4.74 -3.79
C THR A 19 -7.86 -4.79 -2.38
N PHE A 20 -8.22 -5.82 -1.62
CA PHE A 20 -7.71 -5.99 -0.27
C PHE A 20 -6.19 -6.10 -0.24
N LEU A 21 -5.65 -7.02 -1.04
CA LEU A 21 -4.21 -7.21 -1.10
C LEU A 21 -3.53 -5.99 -1.71
N PHE A 22 -4.04 -5.53 -2.84
CA PHE A 22 -3.48 -4.37 -3.54
C PHE A 22 -3.39 -3.15 -2.61
N VAL A 23 -4.48 -2.84 -1.92
CA VAL A 23 -4.52 -1.71 -1.02
C VAL A 23 -3.57 -1.89 0.16
N LEU A 24 -3.65 -3.04 0.80
CA LEU A 24 -2.79 -3.35 1.95
C LEU A 24 -1.32 -3.11 1.64
N ALA A 25 -0.79 -3.90 0.71
CA ALA A 25 0.61 -3.79 0.31
C ALA A 25 0.92 -2.38 -0.19
N LEU A 26 -0.06 -1.75 -0.81
CA LEU A 26 0.11 -0.40 -1.33
C LEU A 26 0.38 0.59 -0.19
N LEU A 27 -0.45 0.53 0.84
CA LEU A 27 -0.30 1.41 2.00
C LEU A 27 1.02 1.16 2.70
N ILE A 28 1.43 -0.10 2.78
CA ILE A 28 2.67 -0.47 3.43
C ILE A 28 3.87 0.14 2.72
N HIS A 29 4.07 -0.25 1.46
CA HIS A 29 5.19 0.26 0.66
C HIS A 29 5.09 1.78 0.51
N PHE A 30 3.88 2.28 0.34
CA PHE A 30 3.65 3.71 0.18
C PHE A 30 4.05 4.49 1.43
N ILE A 31 3.63 4.00 2.59
CA ILE A 31 3.95 4.68 3.85
C ILE A 31 5.44 4.61 4.16
N LEU A 32 6.02 3.42 4.05
CA LEU A 32 7.45 3.24 4.33
C LEU A 32 8.28 4.01 3.29
N LEU A 33 7.94 3.82 2.03
CA LEU A 33 8.64 4.50 0.95
C LEU A 33 8.51 6.01 1.07
N SER A 34 7.28 6.47 1.35
CA SER A 34 6.99 7.89 1.50
C SER A 34 7.77 8.48 2.68
N THR A 35 7.59 7.88 3.85
CA THR A 35 8.26 8.37 5.06
C THR A 35 9.78 8.28 4.93
N GLU A 36 10.25 7.19 4.33
CA GLU A 36 11.68 6.97 4.14
C GLU A 36 12.28 8.02 3.21
N ARG A 37 11.75 8.11 2.00
CA ARG A 37 12.24 9.06 1.02
C ARG A 37 12.01 10.50 1.48
N PHE A 38 10.88 10.73 2.14
CA PHE A 38 10.53 12.05 2.63
C PHE A 38 11.56 12.54 3.65
N ASN A 39 11.61 11.87 4.80
CA ASN A 39 12.54 12.23 5.86
C ASN A 39 13.99 12.18 5.36
N TRP A 40 14.20 11.45 4.27
CA TRP A 40 15.52 11.33 3.67
C TRP A 40 15.94 12.65 3.08
N LEU A 41 15.27 13.02 1.98
CA LEU A 41 15.53 14.29 1.34
C LEU A 41 15.16 15.41 2.30
N GLU A 42 14.38 15.07 3.32
CA GLU A 42 13.95 16.03 4.32
C GLU A 42 15.15 16.57 5.09
N GLY A 43 15.95 15.66 5.63
CA GLY A 43 17.13 16.05 6.39
C GLY A 43 16.82 16.22 7.86
N ALA A 44 17.40 15.33 8.67
CA ALA A 44 17.19 15.37 10.11
C ALA A 44 18.10 14.37 10.82
N SER A 45 19.39 14.70 10.88
CA SER A 45 20.39 13.85 11.52
C SER A 45 20.88 12.78 10.55
N THR A 46 20.81 13.07 9.26
CA THR A 46 21.25 12.12 8.23
C THR A 46 21.79 12.85 7.00
N LYS A 47 20.96 13.70 6.41
CA LYS A 47 21.36 14.45 5.23
C LYS A 47 22.23 15.65 5.62
N PRO A 48 21.69 16.57 6.43
CA PRO A 48 22.42 17.76 6.88
C PRO A 48 23.44 17.44 7.96
N VAL A 49 24.57 16.86 7.56
CA VAL A 49 25.61 16.51 8.50
C VAL A 49 26.67 17.61 8.59
N GLN A 50 26.94 18.06 9.82
CA GLN A 50 27.92 19.12 10.06
C GLN A 50 27.82 20.24 9.03
N THR A 51 28.58 20.13 7.94
CA THR A 51 28.57 21.14 6.88
C THR A 51 29.11 20.57 5.58
N SER A 52 28.32 20.68 4.52
CA SER A 52 28.71 20.18 3.21
C SER A 52 28.10 21.01 2.10
N MET A 1 -33.30 -19.28 -5.13
CA MET A 1 -33.16 -18.28 -4.03
C MET A 1 -31.71 -17.80 -3.91
N TRP A 2 -31.42 -17.10 -2.80
CA TRP A 2 -30.09 -16.58 -2.55
C TRP A 2 -29.44 -16.04 -3.82
N ARG A 3 -30.26 -15.48 -4.70
CA ARG A 3 -29.76 -14.92 -5.96
C ARG A 3 -28.92 -15.94 -6.72
N ILE A 4 -29.52 -17.09 -7.01
CA ILE A 4 -28.83 -18.17 -7.73
C ILE A 4 -27.45 -18.42 -7.15
N TRP A 5 -27.30 -18.13 -5.85
CA TRP A 5 -26.02 -18.32 -5.14
C TRP A 5 -24.83 -18.00 -6.04
N GLN A 6 -25.00 -17.06 -6.95
CA GLN A 6 -23.93 -16.67 -7.86
C GLN A 6 -24.29 -15.43 -8.68
N LEU A 7 -25.26 -14.64 -8.19
CA LEU A 7 -25.66 -13.42 -8.89
C LEU A 7 -24.73 -12.27 -8.54
N PHE A 8 -24.66 -11.95 -7.25
CA PHE A 8 -23.81 -10.88 -6.77
C PHE A 8 -23.09 -11.28 -5.48
N ASP A 9 -21.98 -11.99 -5.64
CA ASP A 9 -21.20 -12.45 -4.49
C ASP A 9 -19.81 -12.90 -4.92
N PRO A 10 -19.72 -13.97 -5.73
CA PRO A 10 -18.42 -14.50 -6.20
C PRO A 10 -17.58 -13.42 -6.88
N ARG A 11 -18.17 -12.74 -7.86
CA ARG A 11 -17.47 -11.68 -8.58
C ARG A 11 -16.94 -10.62 -7.62
N GLN A 12 -17.85 -10.05 -6.83
CA GLN A 12 -17.48 -9.03 -5.86
C GLN A 12 -16.44 -9.56 -4.87
N ALA A 13 -16.52 -10.87 -4.60
CA ALA A 13 -15.59 -11.51 -3.68
C ALA A 13 -14.16 -11.42 -4.20
N LEU A 14 -13.98 -11.81 -5.46
CA LEU A 14 -12.66 -11.78 -6.08
C LEU A 14 -12.17 -10.35 -6.22
N VAL A 15 -13.09 -9.43 -6.49
CA VAL A 15 -12.75 -8.03 -6.62
C VAL A 15 -12.33 -7.47 -5.26
N GLY A 16 -12.85 -8.07 -4.20
CA GLY A 16 -12.52 -7.63 -2.86
C GLY A 16 -11.12 -8.07 -2.47
N LEU A 17 -10.78 -9.31 -2.81
CA LEU A 17 -9.46 -9.85 -2.52
C LEU A 17 -8.39 -9.06 -3.26
N ALA A 18 -8.48 -9.10 -4.59
CA ALA A 18 -7.52 -8.41 -5.45
C ALA A 18 -7.41 -6.93 -5.11
N THR A 19 -8.55 -6.28 -4.93
CA THR A 19 -8.58 -4.86 -4.61
C THR A 19 -8.01 -4.59 -3.21
N PHE A 20 -8.40 -5.43 -2.26
CA PHE A 20 -7.94 -5.30 -0.87
C PHE A 20 -6.43 -5.42 -0.77
N LEU A 21 -5.86 -6.46 -1.38
CA LEU A 21 -4.42 -6.67 -1.34
C LEU A 21 -3.69 -5.55 -2.09
N PHE A 22 -4.12 -5.28 -3.31
CA PHE A 22 -3.51 -4.24 -4.13
C PHE A 22 -3.50 -2.89 -3.42
N VAL A 23 -4.66 -2.49 -2.90
CA VAL A 23 -4.79 -1.22 -2.22
C VAL A 23 -3.93 -1.17 -0.96
N LEU A 24 -4.05 -2.19 -0.12
CA LEU A 24 -3.26 -2.25 1.10
C LEU A 24 -1.76 -2.25 0.77
N ALA A 25 -1.42 -2.89 -0.34
CA ALA A 25 -0.04 -2.96 -0.79
C ALA A 25 0.52 -1.56 -1.07
N LEU A 26 -0.17 -0.81 -1.91
CA LEU A 26 0.26 0.54 -2.25
C LEU A 26 0.28 1.44 -1.02
N LEU A 27 -0.66 1.20 -0.10
CA LEU A 27 -0.74 1.99 1.12
C LEU A 27 0.53 1.81 1.96
N ILE A 28 0.93 0.56 2.15
CA ILE A 28 2.12 0.25 2.94
C ILE A 28 3.37 0.82 2.28
N HIS A 29 3.57 0.47 1.01
CA HIS A 29 4.74 0.94 0.27
C HIS A 29 4.77 2.47 0.21
N PHE A 30 3.60 3.06 0.03
CA PHE A 30 3.46 4.51 -0.05
C PHE A 30 3.82 5.18 1.27
N ILE A 31 3.33 4.62 2.38
CA ILE A 31 3.61 5.19 3.68
C ILE A 31 5.08 5.02 4.06
N LEU A 32 5.61 3.82 3.89
CA LEU A 32 7.01 3.55 4.21
C LEU A 32 7.92 4.34 3.29
N LEU A 33 7.64 4.26 1.99
CA LEU A 33 8.42 4.99 1.00
C LEU A 33 8.33 6.49 1.24
N SER A 34 7.13 6.95 1.56
CA SER A 34 6.90 8.37 1.83
C SER A 34 7.69 8.84 3.05
N THR A 35 7.44 8.22 4.20
CA THR A 35 8.12 8.58 5.44
C THR A 35 9.63 8.41 5.31
N GLU A 36 10.06 7.26 4.80
CA GLU A 36 11.47 6.96 4.64
C GLU A 36 12.13 7.95 3.68
N ARG A 37 11.44 8.24 2.57
CA ARG A 37 11.96 9.18 1.58
C ARG A 37 12.01 10.59 2.16
N PHE A 38 11.02 10.92 2.98
CA PHE A 38 10.95 12.23 3.60
C PHE A 38 12.15 12.46 4.51
N ASN A 39 12.25 11.69 5.58
CA ASN A 39 13.35 11.80 6.52
C ASN A 39 14.71 11.62 5.82
N TRP A 40 14.67 10.96 4.67
CA TRP A 40 15.88 10.72 3.89
C TRP A 40 16.39 12.04 3.35
N LEU A 41 15.65 12.59 2.40
CA LEU A 41 16.01 13.88 1.82
C LEU A 41 15.90 14.95 2.92
N GLU A 42 15.24 14.59 4.02
CA GLU A 42 15.08 15.50 5.14
C GLU A 42 16.44 15.86 5.74
N GLY A 43 17.08 14.87 6.34
CA GLY A 43 18.38 15.10 6.95
C GLY A 43 19.07 13.80 7.33
N ALA A 44 18.50 13.09 8.30
CA ALA A 44 19.06 11.82 8.77
C ALA A 44 20.59 11.85 8.88
N SER A 45 21.27 11.53 7.78
CA SER A 45 22.72 11.51 7.75
C SER A 45 23.30 12.92 7.84
N THR A 46 22.56 13.90 7.35
CA THR A 46 23.00 15.28 7.37
C THR A 46 22.63 15.97 8.68
N LYS A 47 21.74 15.35 9.45
CA LYS A 47 21.29 15.90 10.72
C LYS A 47 22.35 15.68 11.80
N PRO A 48 22.54 16.67 12.71
CA PRO A 48 23.52 16.58 13.78
C PRO A 48 23.38 15.30 14.59
N VAL A 49 24.48 14.58 14.76
CA VAL A 49 24.48 13.33 15.51
C VAL A 49 25.77 13.18 16.31
N GLN A 50 26.89 13.39 15.65
CA GLN A 50 28.20 13.28 16.29
C GLN A 50 29.28 13.92 15.44
N THR A 51 29.43 15.24 15.59
CA THR A 51 30.44 15.99 14.84
C THR A 51 30.32 15.72 13.35
N SER A 52 29.46 16.49 12.68
CA SER A 52 29.24 16.33 11.24
C SER A 52 28.87 17.67 10.61
N MET A 1 -18.54 -23.20 -14.57
CA MET A 1 -19.41 -23.10 -13.37
C MET A 1 -19.07 -21.86 -12.55
N TRP A 2 -17.79 -21.71 -12.20
CA TRP A 2 -17.32 -20.57 -11.41
C TRP A 2 -18.30 -20.21 -10.30
N ARG A 3 -18.46 -21.13 -9.34
CA ARG A 3 -19.36 -20.91 -8.21
C ARG A 3 -20.76 -20.53 -8.70
N ILE A 4 -21.10 -20.96 -9.92
CA ILE A 4 -22.40 -20.67 -10.51
C ILE A 4 -22.80 -19.21 -10.27
N TRP A 5 -21.81 -18.34 -10.19
CA TRP A 5 -22.02 -16.91 -9.95
C TRP A 5 -23.25 -16.67 -9.07
N GLN A 6 -23.30 -17.36 -7.93
CA GLN A 6 -24.42 -17.21 -7.02
C GLN A 6 -24.17 -17.93 -5.69
N LEU A 7 -23.40 -19.02 -5.74
CA LEU A 7 -23.10 -19.78 -4.54
C LEU A 7 -21.97 -19.13 -3.74
N PHE A 8 -20.87 -18.83 -4.42
CA PHE A 8 -19.72 -18.21 -3.77
C PHE A 8 -19.66 -16.72 -4.11
N ASP A 9 -19.97 -16.38 -5.36
CA ASP A 9 -19.95 -14.99 -5.81
C ASP A 9 -18.51 -14.54 -6.10
N PRO A 10 -17.90 -15.08 -7.16
CA PRO A 10 -16.52 -14.75 -7.55
C PRO A 10 -16.34 -13.25 -7.83
N ARG A 11 -17.35 -12.64 -8.45
CA ARG A 11 -17.29 -11.22 -8.78
C ARG A 11 -17.01 -10.36 -7.54
N GLN A 12 -17.95 -10.34 -6.61
CA GLN A 12 -17.79 -9.56 -5.39
C GLN A 12 -16.55 -9.97 -4.61
N ALA A 13 -16.35 -11.27 -4.48
CA ALA A 13 -15.20 -11.80 -3.75
C ALA A 13 -13.88 -11.37 -4.38
N LEU A 14 -13.84 -11.28 -5.71
CA LEU A 14 -12.63 -10.88 -6.41
C LEU A 14 -12.35 -9.40 -6.23
N VAL A 15 -13.40 -8.59 -6.29
CA VAL A 15 -13.25 -7.15 -6.11
C VAL A 15 -12.92 -6.82 -4.66
N GLY A 16 -13.34 -7.68 -3.75
CA GLY A 16 -13.06 -7.48 -2.34
C GLY A 16 -11.62 -7.77 -2.00
N LEU A 17 -11.18 -8.97 -2.34
CA LEU A 17 -9.81 -9.37 -2.07
C LEU A 17 -8.83 -8.50 -2.84
N ALA A 18 -9.08 -8.34 -4.13
CA ALA A 18 -8.21 -7.54 -4.99
C ALA A 18 -8.12 -6.09 -4.51
N THR A 19 -9.27 -5.49 -4.21
CA THR A 19 -9.31 -4.11 -3.75
C THR A 19 -8.65 -3.95 -2.38
N PHE A 20 -9.05 -4.79 -1.43
CA PHE A 20 -8.49 -4.74 -0.08
C PHE A 20 -6.98 -4.97 -0.09
N LEU A 21 -6.55 -5.96 -0.86
CA LEU A 21 -5.13 -6.28 -0.95
C LEU A 21 -4.37 -5.15 -1.65
N PHE A 22 -4.82 -4.79 -2.85
CA PHE A 22 -4.20 -3.74 -3.64
C PHE A 22 -4.07 -2.44 -2.84
N VAL A 23 -5.16 -2.03 -2.20
CA VAL A 23 -5.17 -0.80 -1.42
C VAL A 23 -4.22 -0.87 -0.24
N LEU A 24 -4.32 -1.94 0.53
CA LEU A 24 -3.47 -2.13 1.69
C LEU A 24 -2.00 -2.13 1.31
N ALA A 25 -1.63 -3.03 0.42
CA ALA A 25 -0.25 -3.14 -0.03
C ALA A 25 0.27 -1.84 -0.64
N LEU A 26 -0.49 -1.27 -1.57
CA LEU A 26 -0.10 -0.02 -2.22
C LEU A 26 0.01 1.11 -1.20
N LEU A 27 -0.89 1.12 -0.22
CA LEU A 27 -0.88 2.15 0.81
C LEU A 27 0.43 2.12 1.58
N ILE A 28 0.76 0.96 2.15
CA ILE A 28 2.00 0.82 2.91
C ILE A 28 3.21 1.02 2.02
N HIS A 29 3.05 0.70 0.73
CA HIS A 29 4.13 0.86 -0.23
C HIS A 29 4.56 2.32 -0.36
N PHE A 30 3.65 3.15 -0.87
CA PHE A 30 3.94 4.56 -1.07
C PHE A 30 4.24 5.27 0.26
N ILE A 31 3.61 4.81 1.34
CA ILE A 31 3.83 5.41 2.64
C ILE A 31 5.25 5.11 3.15
N LEU A 32 5.63 3.85 3.15
CA LEU A 32 6.95 3.45 3.61
C LEU A 32 8.01 4.04 2.70
N LEU A 33 7.74 4.01 1.40
CA LEU A 33 8.66 4.57 0.41
C LEU A 33 8.85 6.05 0.67
N SER A 34 7.75 6.78 0.63
CA SER A 34 7.78 8.21 0.88
C SER A 34 8.31 8.49 2.29
N THR A 35 8.10 7.53 3.20
CA THR A 35 8.58 7.67 4.57
C THR A 35 10.10 7.70 4.61
N GLU A 36 10.72 6.68 4.01
CA GLU A 36 12.17 6.58 3.97
C GLU A 36 12.77 7.77 3.23
N ARG A 37 12.19 8.10 2.08
CA ARG A 37 12.66 9.22 1.28
C ARG A 37 12.47 10.53 2.03
N PHE A 38 11.38 10.62 2.78
CA PHE A 38 11.09 11.82 3.56
C PHE A 38 12.19 12.07 4.58
N ASN A 39 12.30 11.17 5.55
CA ASN A 39 13.32 11.30 6.59
C ASN A 39 14.74 11.31 5.98
N TRP A 40 14.84 10.82 4.74
CA TRP A 40 16.11 10.78 4.04
C TRP A 40 16.57 12.18 3.72
N LEU A 41 15.94 12.79 2.71
CA LEU A 41 16.27 14.15 2.34
C LEU A 41 15.96 15.07 3.51
N GLU A 42 15.18 14.57 4.48
CA GLU A 42 14.83 15.33 5.65
C GLU A 42 16.06 15.68 6.46
N GLY A 43 16.73 14.66 6.97
CA GLY A 43 17.93 14.87 7.75
C GLY A 43 17.64 15.02 9.22
N ALA A 44 16.80 14.14 9.76
CA ALA A 44 16.43 14.20 11.17
C ALA A 44 17.63 13.88 12.06
N SER A 45 18.35 12.81 11.72
CA SER A 45 19.51 12.40 12.49
C SER A 45 20.67 13.36 12.26
N THR A 46 20.75 13.92 11.07
CA THR A 46 21.82 14.87 10.73
C THR A 46 21.44 16.29 11.12
N LYS A 47 20.54 16.89 10.35
CA LYS A 47 20.08 18.25 10.61
C LYS A 47 21.17 19.26 10.26
N PRO A 48 20.77 20.45 9.78
CA PRO A 48 21.72 21.51 9.40
C PRO A 48 22.40 22.13 10.61
N VAL A 49 23.73 22.23 10.55
CA VAL A 49 24.51 22.80 11.63
C VAL A 49 24.37 21.98 12.91
N GLN A 50 23.24 22.15 13.60
CA GLN A 50 22.98 21.42 14.84
C GLN A 50 23.78 22.01 16.00
N THR A 51 23.28 21.84 17.22
CA THR A 51 23.95 22.36 18.41
C THR A 51 25.09 21.44 18.83
N SER A 52 24.73 20.22 19.25
CA SER A 52 25.72 19.24 19.69
C SER A 52 26.18 18.38 18.51
N MET A 1 -30.27 -17.01 -8.23
CA MET A 1 -31.06 -15.93 -7.59
C MET A 1 -30.27 -15.23 -6.48
N TRP A 2 -30.97 -14.48 -5.63
CA TRP A 2 -30.35 -13.77 -4.51
C TRP A 2 -29.10 -12.99 -4.95
N ARG A 3 -27.99 -13.70 -5.12
CA ARG A 3 -26.74 -13.06 -5.52
C ARG A 3 -26.80 -12.55 -6.95
N ILE A 4 -27.87 -12.90 -7.67
CA ILE A 4 -28.03 -12.44 -9.04
C ILE A 4 -28.38 -10.95 -9.04
N TRP A 5 -28.91 -10.48 -7.93
CA TRP A 5 -29.27 -9.08 -7.79
C TRP A 5 -28.01 -8.21 -7.76
N GLN A 6 -26.85 -8.86 -7.59
CA GLN A 6 -25.55 -8.17 -7.53
C GLN A 6 -25.21 -7.80 -6.11
N LEU A 7 -24.57 -8.72 -5.40
CA LEU A 7 -24.16 -8.49 -4.01
C LEU A 7 -22.96 -9.35 -3.62
N PHE A 8 -22.98 -10.61 -4.05
CA PHE A 8 -21.90 -11.53 -3.74
C PHE A 8 -21.48 -12.30 -4.99
N ASP A 9 -21.59 -11.66 -6.14
CA ASP A 9 -21.22 -12.29 -7.41
C ASP A 9 -19.70 -12.41 -7.53
N PRO A 10 -19.22 -13.28 -8.44
CA PRO A 10 -17.79 -13.49 -8.65
C PRO A 10 -17.01 -12.19 -8.79
N ARG A 11 -17.53 -11.27 -9.61
CA ARG A 11 -16.88 -9.99 -9.83
C ARG A 11 -16.63 -9.27 -8.51
N GLN A 12 -17.68 -9.15 -7.69
CA GLN A 12 -17.56 -8.49 -6.39
C GLN A 12 -16.52 -9.18 -5.52
N ALA A 13 -16.50 -10.51 -5.58
CA ALA A 13 -15.55 -11.30 -4.79
C ALA A 13 -14.12 -11.04 -5.23
N LEU A 14 -13.91 -10.93 -6.54
CA LEU A 14 -12.58 -10.68 -7.08
C LEU A 14 -12.08 -9.31 -6.67
N VAL A 15 -12.95 -8.31 -6.75
CA VAL A 15 -12.59 -6.96 -6.36
C VAL A 15 -12.39 -6.86 -4.85
N GLY A 16 -12.99 -7.80 -4.11
CA GLY A 16 -12.86 -7.81 -2.67
C GLY A 16 -11.49 -8.28 -2.24
N LEU A 17 -11.08 -9.42 -2.78
CA LEU A 17 -9.76 -9.99 -2.46
C LEU A 17 -8.67 -9.04 -2.94
N ALA A 18 -8.74 -8.74 -4.23
CA ALA A 18 -7.78 -7.85 -4.87
C ALA A 18 -7.67 -6.52 -4.14
N THR A 19 -8.82 -6.01 -3.67
CA THR A 19 -8.84 -4.74 -2.96
C THR A 19 -8.13 -4.86 -1.61
N PHE A 20 -8.37 -5.95 -0.90
CA PHE A 20 -7.75 -6.19 0.40
C PHE A 20 -6.23 -6.26 0.28
N LEU A 21 -5.75 -7.08 -0.63
CA LEU A 21 -4.31 -7.21 -0.84
C LEU A 21 -3.72 -5.92 -1.39
N PHE A 22 -4.37 -5.37 -2.41
CA PHE A 22 -3.91 -4.13 -3.04
C PHE A 22 -3.78 -2.99 -2.02
N VAL A 23 -4.81 -2.81 -1.21
CA VAL A 23 -4.82 -1.74 -0.20
C VAL A 23 -3.74 -1.97 0.86
N LEU A 24 -3.69 -3.17 1.40
CA LEU A 24 -2.71 -3.49 2.44
C LEU A 24 -1.29 -3.30 1.90
N ALA A 25 -1.05 -3.77 0.68
CA ALA A 25 0.25 -3.66 0.06
C ALA A 25 0.64 -2.20 -0.13
N LEU A 26 -0.20 -1.44 -0.83
CA LEU A 26 0.08 -0.03 -1.07
C LEU A 26 0.12 0.75 0.23
N LEU A 27 -0.62 0.26 1.24
CA LEU A 27 -0.66 0.92 2.54
C LEU A 27 0.71 0.88 3.20
N ILE A 28 1.22 -0.33 3.42
CA ILE A 28 2.53 -0.50 4.05
C ILE A 28 3.64 0.09 3.18
N HIS A 29 3.57 -0.18 1.88
CA HIS A 29 4.55 0.33 0.94
C HIS A 29 4.56 1.85 0.93
N PHE A 30 3.37 2.44 0.95
CA PHE A 30 3.23 3.89 0.95
C PHE A 30 3.80 4.52 2.22
N ILE A 31 3.62 3.86 3.36
CA ILE A 31 4.13 4.39 4.62
C ILE A 31 5.66 4.30 4.67
N LEU A 32 6.20 3.13 4.32
CA LEU A 32 7.65 2.94 4.32
C LEU A 32 8.31 3.83 3.28
N LEU A 33 7.82 3.77 2.04
CA LEU A 33 8.36 4.59 0.97
C LEU A 33 8.23 6.06 1.33
N SER A 34 7.11 6.43 1.93
CA SER A 34 6.87 7.80 2.34
C SER A 34 7.90 8.25 3.36
N THR A 35 8.09 7.43 4.39
CA THR A 35 9.06 7.74 5.44
C THR A 35 10.47 7.88 4.87
N GLU A 36 10.84 6.96 3.98
CA GLU A 36 12.16 6.99 3.36
C GLU A 36 12.34 8.25 2.53
N ARG A 37 11.36 8.54 1.67
CA ARG A 37 11.42 9.72 0.82
C ARG A 37 11.37 10.99 1.67
N PHE A 38 10.67 10.91 2.80
CA PHE A 38 10.55 12.04 3.70
C PHE A 38 11.92 12.44 4.25
N ASN A 39 12.53 11.52 5.01
CA ASN A 39 13.85 11.78 5.58
C ASN A 39 14.88 12.07 4.49
N TRP A 40 14.58 11.63 3.27
CA TRP A 40 15.46 11.85 2.13
C TRP A 40 15.49 13.33 1.81
N LEU A 41 14.38 13.82 1.29
CA LEU A 41 14.26 15.23 0.98
C LEU A 41 14.38 16.03 2.28
N GLU A 42 14.23 15.34 3.41
CA GLU A 42 14.33 15.97 4.70
C GLU A 42 15.73 16.53 4.93
N GLY A 43 16.73 15.68 4.72
CA GLY A 43 18.11 16.12 4.91
C GLY A 43 19.13 15.16 4.33
N ALA A 44 18.81 13.86 4.34
CA ALA A 44 19.72 12.85 3.81
C ALA A 44 19.95 13.03 2.33
N SER A 45 18.87 13.26 1.59
CA SER A 45 18.95 13.44 0.14
C SER A 45 19.56 14.79 -0.21
N THR A 46 19.43 15.76 0.71
CA THR A 46 19.97 17.09 0.49
C THR A 46 21.44 17.17 0.94
N LYS A 47 21.82 16.29 1.87
CA LYS A 47 23.18 16.26 2.38
C LYS A 47 23.48 14.93 3.05
N PRO A 48 23.62 13.86 2.26
CA PRO A 48 23.90 12.52 2.78
C PRO A 48 25.34 12.38 3.28
N VAL A 49 26.28 12.89 2.48
CA VAL A 49 27.69 12.83 2.83
C VAL A 49 28.43 14.07 2.35
N GLN A 50 29.25 14.64 3.23
CA GLN A 50 30.02 15.84 2.90
C GLN A 50 29.16 16.88 2.18
N THR A 51 27.91 17.01 2.61
CA THR A 51 26.98 17.96 1.99
C THR A 51 26.91 17.76 0.48
N SER A 52 26.59 16.55 0.07
CA SER A 52 26.49 16.22 -1.35
C SER A 52 25.06 16.45 -1.86
N MET A 1 -31.98 -19.41 -8.90
CA MET A 1 -32.22 -18.50 -7.74
C MET A 1 -30.92 -17.92 -7.21
N TRP A 2 -31.04 -16.95 -6.31
CA TRP A 2 -29.88 -16.29 -5.71
C TRP A 2 -28.76 -16.08 -6.74
N ARG A 3 -29.08 -15.38 -7.82
CA ARG A 3 -28.11 -15.10 -8.87
C ARG A 3 -27.52 -16.40 -9.42
N ILE A 4 -28.36 -17.42 -9.56
CA ILE A 4 -27.92 -18.72 -10.07
C ILE A 4 -26.68 -19.20 -9.32
N TRP A 5 -26.66 -18.96 -8.01
CA TRP A 5 -25.54 -19.37 -7.16
C TRP A 5 -24.20 -19.25 -7.87
N GLN A 6 -24.08 -18.24 -8.73
CA GLN A 6 -22.85 -18.02 -9.47
C GLN A 6 -22.91 -16.70 -10.25
N LEU A 7 -23.50 -16.74 -11.44
CA LEU A 7 -23.63 -15.55 -12.28
C LEU A 7 -22.26 -14.91 -12.54
N PHE A 8 -21.80 -14.09 -11.60
CA PHE A 8 -20.51 -13.43 -11.73
C PHE A 8 -19.74 -13.49 -10.42
N ASP A 9 -19.09 -14.62 -10.17
CA ASP A 9 -18.32 -14.80 -8.95
C ASP A 9 -17.03 -13.97 -8.97
N PRO A 10 -16.31 -13.97 -10.12
CA PRO A 10 -15.06 -13.21 -10.24
C PRO A 10 -15.24 -11.73 -9.89
N ARG A 11 -16.40 -11.17 -10.25
CA ARG A 11 -16.68 -9.77 -9.97
C ARG A 11 -16.57 -9.46 -8.49
N GLN A 12 -17.51 -9.99 -7.70
CA GLN A 12 -17.52 -9.77 -6.25
C GLN A 12 -16.20 -10.18 -5.63
N ALA A 13 -15.72 -11.36 -6.00
CA ALA A 13 -14.46 -11.87 -5.47
C ALA A 13 -13.30 -10.97 -5.86
N LEU A 14 -13.42 -10.31 -7.02
CA LEU A 14 -12.37 -9.42 -7.50
C LEU A 14 -12.30 -8.16 -6.64
N VAL A 15 -13.45 -7.59 -6.33
CA VAL A 15 -13.51 -6.38 -5.51
C VAL A 15 -13.09 -6.69 -4.07
N GLY A 16 -13.30 -7.94 -3.65
CA GLY A 16 -12.92 -8.33 -2.31
C GLY A 16 -11.42 -8.46 -2.16
N LEU A 17 -10.83 -9.28 -3.01
CA LEU A 17 -9.39 -9.49 -2.99
C LEU A 17 -8.66 -8.19 -3.26
N ALA A 18 -9.09 -7.49 -4.30
CA ALA A 18 -8.48 -6.23 -4.69
C ALA A 18 -8.54 -5.21 -3.55
N THR A 19 -9.66 -5.22 -2.81
CA THR A 19 -9.83 -4.30 -1.70
C THR A 19 -8.85 -4.60 -0.57
N PHE A 20 -8.86 -5.84 -0.10
CA PHE A 20 -7.98 -6.27 0.99
C PHE A 20 -6.51 -6.09 0.61
N LEU A 21 -6.17 -6.49 -0.60
CA LEU A 21 -4.79 -6.37 -1.10
C LEU A 21 -4.41 -4.91 -1.26
N PHE A 22 -5.18 -4.19 -2.07
CA PHE A 22 -4.93 -2.78 -2.33
C PHE A 22 -4.76 -1.99 -1.04
N VAL A 23 -5.69 -2.16 -0.11
CA VAL A 23 -5.65 -1.45 1.16
C VAL A 23 -4.43 -1.84 1.98
N LEU A 24 -4.21 -3.14 2.15
CA LEU A 24 -3.08 -3.65 2.89
C LEU A 24 -1.77 -3.06 2.38
N ALA A 25 -1.43 -3.38 1.15
CA ALA A 25 -0.22 -2.88 0.53
C ALA A 25 -0.19 -1.35 0.57
N LEU A 26 -1.37 -0.74 0.68
CA LEU A 26 -1.47 0.70 0.74
C LEU A 26 -0.86 1.24 2.03
N LEU A 27 -1.29 0.69 3.16
CA LEU A 27 -0.77 1.11 4.45
C LEU A 27 0.72 0.80 4.56
N ILE A 28 1.09 -0.43 4.18
CA ILE A 28 2.48 -0.86 4.23
C ILE A 28 3.34 -0.02 3.29
N HIS A 29 3.03 -0.08 1.99
CA HIS A 29 3.76 0.66 0.98
C HIS A 29 3.81 2.14 1.31
N PHE A 30 2.67 2.69 1.72
CA PHE A 30 2.59 4.11 2.06
C PHE A 30 3.53 4.45 3.23
N ILE A 31 3.75 3.50 4.13
CA ILE A 31 4.63 3.73 5.26
C ILE A 31 6.09 3.75 4.81
N LEU A 32 6.47 2.76 4.00
CA LEU A 32 7.85 2.67 3.50
C LEU A 32 8.14 3.85 2.60
N LEU A 33 7.30 4.03 1.59
CA LEU A 33 7.45 5.13 0.65
C LEU A 33 7.47 6.46 1.40
N SER A 34 6.63 6.56 2.43
CA SER A 34 6.56 7.77 3.24
C SER A 34 7.91 8.05 3.89
N THR A 35 8.45 7.04 4.56
CA THR A 35 9.74 7.17 5.23
C THR A 35 10.85 7.47 4.22
N GLU A 36 10.77 6.84 3.06
CA GLU A 36 11.76 7.03 2.00
C GLU A 36 11.75 8.47 1.51
N ARG A 37 10.55 9.00 1.27
CA ARG A 37 10.40 10.37 0.80
C ARG A 37 10.92 11.35 1.85
N PHE A 38 10.67 11.02 3.12
CA PHE A 38 11.12 11.85 4.22
C PHE A 38 12.63 11.98 4.23
N ASN A 39 13.31 10.86 4.44
CA ASN A 39 14.77 10.83 4.46
C ASN A 39 15.35 11.27 3.11
N TRP A 40 14.52 11.23 2.08
CA TRP A 40 14.92 11.63 0.74
C TRP A 40 15.14 13.13 0.69
N LEU A 41 14.05 13.88 0.71
CA LEU A 41 14.13 15.33 0.71
C LEU A 41 14.83 15.78 1.98
N GLU A 42 14.93 14.89 2.95
CA GLU A 42 15.58 15.19 4.21
C GLU A 42 17.07 15.45 3.99
N GLY A 43 17.80 14.38 3.64
CA GLY A 43 19.23 14.51 3.41
C GLY A 43 19.81 13.27 2.75
N ALA A 44 19.02 12.63 1.89
CA ALA A 44 19.47 11.43 1.19
C ALA A 44 20.60 11.76 0.22
N SER A 45 21.80 11.23 0.51
CA SER A 45 22.97 11.46 -0.34
C SER A 45 23.59 12.81 -0.05
N THR A 46 23.41 13.31 1.18
CA THR A 46 23.94 14.60 1.57
C THR A 46 24.26 14.62 3.07
N LYS A 47 23.32 14.15 3.87
CA LYS A 47 23.50 14.10 5.32
C LYS A 47 23.64 15.51 5.90
N PRO A 48 22.87 15.84 6.95
CA PRO A 48 22.92 17.16 7.58
C PRO A 48 24.34 17.56 7.97
N VAL A 49 24.90 18.54 7.26
CA VAL A 49 26.25 19.01 7.52
C VAL A 49 27.26 17.86 7.49
N GLN A 50 28.52 18.19 7.82
CA GLN A 50 29.59 17.19 7.82
C GLN A 50 30.07 16.91 6.40
N THR A 51 30.82 17.86 5.83
CA THR A 51 31.34 17.73 4.48
C THR A 51 32.60 16.85 4.46
N SER A 52 32.69 15.98 3.46
CA SER A 52 33.83 15.10 3.33
C SER A 52 33.95 14.18 4.54
N MET A 1 -23.00 -23.82 -14.64
CA MET A 1 -23.81 -24.46 -13.57
C MET A 1 -24.39 -23.43 -12.61
N TRP A 2 -25.34 -22.64 -13.10
CA TRP A 2 -25.98 -21.59 -12.29
C TRP A 2 -24.98 -20.89 -11.39
N ARG A 3 -24.06 -20.15 -12.00
CA ARG A 3 -23.03 -19.41 -11.26
C ARG A 3 -22.27 -20.34 -10.32
N ILE A 4 -22.20 -21.62 -10.68
CA ILE A 4 -21.51 -22.61 -9.89
C ILE A 4 -22.07 -22.71 -8.47
N TRP A 5 -23.28 -22.22 -8.27
CA TRP A 5 -23.94 -22.25 -6.96
C TRP A 5 -23.54 -21.05 -6.11
N GLN A 6 -22.38 -20.46 -6.41
CA GLN A 6 -21.90 -19.31 -5.68
C GLN A 6 -22.79 -18.11 -5.95
N LEU A 7 -23.36 -18.06 -7.15
CA LEU A 7 -24.26 -16.96 -7.53
C LEU A 7 -23.55 -15.61 -7.44
N PHE A 8 -22.80 -15.28 -8.48
CA PHE A 8 -22.09 -14.00 -8.54
C PHE A 8 -21.20 -13.77 -7.32
N ASP A 9 -20.84 -14.85 -6.63
CA ASP A 9 -19.99 -14.75 -5.45
C ASP A 9 -18.55 -14.43 -5.84
N PRO A 10 -17.97 -15.20 -6.77
CA PRO A 10 -16.59 -15.00 -7.22
C PRO A 10 -16.35 -13.59 -7.74
N ARG A 11 -17.40 -12.98 -8.27
CA ARG A 11 -17.32 -11.62 -8.81
C ARG A 11 -16.98 -10.62 -7.70
N GLN A 12 -17.95 -10.34 -6.84
CA GLN A 12 -17.76 -9.41 -5.74
C GLN A 12 -16.61 -9.86 -4.83
N ALA A 13 -16.49 -11.17 -4.65
CA ALA A 13 -15.44 -11.73 -3.81
C ALA A 13 -14.06 -11.44 -4.38
N LEU A 14 -13.90 -11.65 -5.69
CA LEU A 14 -12.64 -11.41 -6.36
C LEU A 14 -12.30 -9.92 -6.35
N VAL A 15 -13.33 -9.10 -6.44
CA VAL A 15 -13.16 -7.65 -6.42
C VAL A 15 -12.69 -7.20 -5.05
N GLY A 16 -13.08 -7.95 -4.02
CA GLY A 16 -12.68 -7.64 -2.67
C GLY A 16 -11.24 -7.97 -2.42
N LEU A 17 -10.82 -9.14 -2.89
CA LEU A 17 -9.44 -9.58 -2.74
C LEU A 17 -8.49 -8.65 -3.47
N ALA A 18 -8.67 -8.56 -4.78
CA ALA A 18 -7.84 -7.72 -5.62
C ALA A 18 -7.83 -6.26 -5.15
N THR A 19 -9.01 -5.71 -4.88
CA THR A 19 -9.12 -4.33 -4.44
C THR A 19 -8.49 -4.13 -3.06
N PHE A 20 -8.88 -4.97 -2.12
CA PHE A 20 -8.36 -4.89 -0.76
C PHE A 20 -6.84 -5.07 -0.74
N LEU A 21 -6.34 -5.92 -1.63
CA LEU A 21 -4.91 -6.17 -1.72
C LEU A 21 -4.18 -4.92 -2.23
N PHE A 22 -4.51 -4.51 -3.44
CA PHE A 22 -3.89 -3.35 -4.07
C PHE A 22 -3.96 -2.11 -3.17
N VAL A 23 -5.13 -1.87 -2.58
CA VAL A 23 -5.34 -0.71 -1.72
C VAL A 23 -4.47 -0.78 -0.48
N LEU A 24 -4.51 -1.92 0.21
CA LEU A 24 -3.72 -2.10 1.42
C LEU A 24 -2.23 -1.95 1.13
N ALA A 25 -1.78 -2.58 0.05
CA ALA A 25 -0.38 -2.52 -0.34
C ALA A 25 0.04 -1.08 -0.60
N LEU A 26 -0.84 -0.31 -1.23
CA LEU A 26 -0.57 1.08 -1.53
C LEU A 26 -0.41 1.89 -0.25
N LEU A 27 -1.28 1.62 0.72
CA LEU A 27 -1.25 2.32 1.99
C LEU A 27 0.07 2.06 2.74
N ILE A 28 0.35 0.78 2.99
CA ILE A 28 1.56 0.40 3.69
C ILE A 28 2.80 0.84 2.92
N HIS A 29 2.87 0.50 1.64
CA HIS A 29 4.00 0.88 0.82
C HIS A 29 4.20 2.38 0.83
N PHE A 30 3.09 3.12 0.83
CA PHE A 30 3.13 4.57 0.86
C PHE A 30 3.75 5.08 2.17
N ILE A 31 3.51 4.36 3.26
CA ILE A 31 4.05 4.76 4.55
C ILE A 31 5.56 4.53 4.60
N LEU A 32 6.00 3.37 4.12
CA LEU A 32 7.42 3.04 4.09
C LEU A 32 8.15 3.97 3.14
N LEU A 33 7.67 4.01 1.91
CA LEU A 33 8.26 4.87 0.88
C LEU A 33 8.26 6.32 1.33
N SER A 34 7.17 6.74 1.96
CA SER A 34 7.05 8.11 2.45
C SER A 34 8.10 8.39 3.51
N THR A 35 8.20 7.50 4.49
CA THR A 35 9.17 7.66 5.58
C THR A 35 10.59 7.65 5.04
N GLU A 36 10.86 6.77 4.09
CA GLU A 36 12.19 6.66 3.49
C GLU A 36 12.56 7.94 2.75
N ARG A 37 11.69 8.37 1.85
CA ARG A 37 11.92 9.59 1.08
C ARG A 37 11.97 10.81 2.00
N PHE A 38 11.15 10.78 3.04
CA PHE A 38 11.10 11.87 4.00
C PHE A 38 12.45 12.07 4.65
N ASN A 39 12.89 11.08 5.43
CA ASN A 39 14.18 11.15 6.11
C ASN A 39 15.32 11.27 5.10
N TRP A 40 15.02 10.95 3.84
CA TRP A 40 16.01 11.04 2.77
C TRP A 40 16.35 12.50 2.50
N LEU A 41 15.43 13.18 1.83
CA LEU A 41 15.63 14.60 1.54
C LEU A 41 15.69 15.38 2.86
N GLU A 42 15.24 14.73 3.94
CA GLU A 42 15.24 15.36 5.24
C GLU A 42 16.68 15.62 5.71
N GLY A 43 17.48 14.56 5.74
CA GLY A 43 18.86 14.70 6.18
C GLY A 43 19.72 13.48 5.87
N ALA A 44 19.08 12.33 5.65
CA ALA A 44 19.81 11.11 5.35
C ALA A 44 20.57 11.21 4.04
N SER A 45 20.12 12.11 3.16
CA SER A 45 20.76 12.31 1.88
C SER A 45 22.10 13.03 2.05
N THR A 46 22.14 13.96 2.99
CA THR A 46 23.36 14.73 3.27
C THR A 46 24.23 14.00 4.29
N LYS A 47 23.59 13.28 5.20
CA LYS A 47 24.31 12.53 6.23
C LYS A 47 24.85 13.47 7.31
N PRO A 48 24.04 13.78 8.34
CA PRO A 48 24.44 14.68 9.43
C PRO A 48 25.49 14.04 10.33
N VAL A 49 25.74 14.67 11.48
CA VAL A 49 26.70 14.18 12.44
C VAL A 49 28.09 14.06 11.81
N GLN A 50 29.09 13.76 12.63
CA GLN A 50 30.46 13.61 12.16
C GLN A 50 31.32 12.90 13.20
N THR A 51 31.18 13.30 14.46
CA THR A 51 31.95 12.70 15.55
C THR A 51 31.33 11.37 15.97
N SER A 52 31.72 10.30 15.29
CA SER A 52 31.21 8.97 15.60
C SER A 52 32.09 8.27 16.63
N MET A 1 -31.16 -5.62 -2.00
CA MET A 1 -31.48 -6.97 -2.53
C MET A 1 -30.29 -7.91 -2.44
N TRP A 2 -29.44 -7.68 -1.44
CA TRP A 2 -28.25 -8.50 -1.23
C TRP A 2 -27.56 -8.85 -2.55
N ARG A 3 -27.63 -7.94 -3.51
CA ARG A 3 -27.02 -8.15 -4.82
C ARG A 3 -27.47 -9.48 -5.43
N ILE A 4 -28.77 -9.72 -5.38
CA ILE A 4 -29.35 -10.95 -5.93
C ILE A 4 -28.53 -12.17 -5.51
N TRP A 5 -27.88 -12.08 -4.35
CA TRP A 5 -27.05 -13.16 -3.81
C TRP A 5 -25.60 -13.01 -4.28
N GLN A 6 -25.43 -12.68 -5.56
CA GLN A 6 -24.09 -12.52 -6.13
C GLN A 6 -24.16 -12.05 -7.59
N LEU A 7 -25.18 -12.53 -8.31
CA LEU A 7 -25.36 -12.17 -9.71
C LEU A 7 -24.25 -12.79 -10.58
N PHE A 8 -23.02 -12.31 -10.38
CA PHE A 8 -21.88 -12.80 -11.14
C PHE A 8 -21.03 -13.74 -10.29
N ASP A 9 -20.51 -13.21 -9.18
CA ASP A 9 -19.66 -13.96 -8.23
C ASP A 9 -18.18 -13.64 -8.43
N PRO A 10 -17.59 -13.92 -9.62
CA PRO A 10 -16.17 -13.65 -9.86
C PRO A 10 -15.81 -12.18 -9.58
N ARG A 11 -16.75 -11.29 -9.86
CA ARG A 11 -16.54 -9.86 -9.64
C ARG A 11 -16.49 -9.54 -8.15
N GLN A 12 -17.46 -10.06 -7.41
CA GLN A 12 -17.53 -9.83 -5.97
C GLN A 12 -16.26 -10.32 -5.27
N ALA A 13 -15.91 -11.57 -5.52
CA ALA A 13 -14.72 -12.17 -4.92
C ALA A 13 -13.46 -11.44 -5.38
N LEU A 14 -13.48 -10.96 -6.62
CA LEU A 14 -12.33 -10.25 -7.19
C LEU A 14 -12.17 -8.89 -6.51
N VAL A 15 -13.28 -8.23 -6.24
CA VAL A 15 -13.26 -6.93 -5.60
C VAL A 15 -12.83 -7.07 -4.14
N GLY A 16 -13.10 -8.22 -3.54
CA GLY A 16 -12.73 -8.46 -2.17
C GLY A 16 -11.24 -8.70 -2.04
N LEU A 17 -10.74 -9.68 -2.77
CA LEU A 17 -9.33 -10.02 -2.74
C LEU A 17 -8.50 -8.85 -3.26
N ALA A 18 -8.90 -8.31 -4.40
CA ALA A 18 -8.20 -7.19 -5.02
C ALA A 18 -8.13 -6.00 -4.07
N THR A 19 -9.26 -5.66 -3.45
CA THR A 19 -9.31 -4.53 -2.52
C THR A 19 -8.47 -4.83 -1.28
N PHE A 20 -8.46 -6.09 -0.87
CA PHE A 20 -7.71 -6.51 0.30
C PHE A 20 -6.22 -6.25 0.12
N LEU A 21 -5.64 -6.79 -0.95
CA LEU A 21 -4.22 -6.60 -1.23
C LEU A 21 -3.93 -5.13 -1.56
N PHE A 22 -4.79 -4.52 -2.36
CA PHE A 22 -4.62 -3.13 -2.75
C PHE A 22 -4.55 -2.21 -1.53
N VAL A 23 -5.51 -2.35 -0.63
CA VAL A 23 -5.56 -1.53 0.57
C VAL A 23 -4.37 -1.80 1.49
N LEU A 24 -4.13 -3.07 1.77
CA LEU A 24 -3.02 -3.46 2.63
C LEU A 24 -1.70 -2.92 2.09
N ALA A 25 -1.36 -3.33 0.89
CA ALA A 25 -0.12 -2.88 0.24
C ALA A 25 -0.08 -1.36 0.13
N LEU A 26 -1.25 -0.76 -0.05
CA LEU A 26 -1.34 0.69 -0.17
C LEU A 26 -0.93 1.37 1.14
N LEU A 27 -1.46 0.86 2.24
CA LEU A 27 -1.15 1.40 3.56
C LEU A 27 0.32 1.27 3.88
N ILE A 28 0.84 0.05 3.81
CA ILE A 28 2.25 -0.19 4.10
C ILE A 28 3.15 0.54 3.13
N HIS A 29 2.83 0.47 1.84
CA HIS A 29 3.60 1.14 0.81
C HIS A 29 3.59 2.65 1.02
N PHE A 30 2.44 3.17 1.47
CA PHE A 30 2.28 4.59 1.70
C PHE A 30 3.16 5.06 2.85
N ILE A 31 3.23 4.28 3.94
CA ILE A 31 4.04 4.65 5.08
C ILE A 31 5.52 4.61 4.70
N LEU A 32 5.96 3.51 4.10
CA LEU A 32 7.35 3.39 3.67
C LEU A 32 7.65 4.47 2.64
N LEU A 33 6.60 4.89 1.93
CA LEU A 33 6.72 5.93 0.95
C LEU A 33 7.19 7.22 1.61
N SER A 34 6.33 7.75 2.48
CA SER A 34 6.66 8.96 3.21
C SER A 34 7.91 8.74 4.05
N THR A 35 8.25 7.47 4.29
CA THR A 35 9.44 7.16 5.08
C THR A 35 10.71 7.43 4.29
N GLU A 36 10.88 6.71 3.19
CA GLU A 36 12.05 6.88 2.34
C GLU A 36 12.11 8.29 1.79
N ARG A 37 10.96 8.84 1.44
CA ARG A 37 10.88 10.19 0.91
C ARG A 37 11.31 11.19 1.98
N PHE A 38 10.96 10.90 3.22
CA PHE A 38 11.33 11.75 4.35
C PHE A 38 12.84 11.83 4.49
N ASN A 39 13.46 10.69 4.77
CA ASN A 39 14.92 10.61 4.92
C ASN A 39 15.62 11.03 3.63
N TRP A 40 14.89 10.99 2.51
CA TRP A 40 15.42 11.36 1.21
C TRP A 40 15.67 12.85 1.17
N LEU A 41 14.58 13.61 1.09
CA LEU A 41 14.67 15.06 1.08
C LEU A 41 15.31 15.53 2.38
N GLU A 42 15.30 14.65 3.38
CA GLU A 42 15.87 14.96 4.67
C GLU A 42 17.37 15.19 4.56
N GLY A 43 18.09 14.12 4.21
CA GLY A 43 19.54 14.24 4.07
C GLY A 43 20.14 13.01 3.40
N ALA A 44 20.20 13.04 2.08
CA ALA A 44 20.76 11.93 1.33
C ALA A 44 22.25 11.78 1.60
N SER A 45 22.58 11.19 2.74
CA SER A 45 23.98 10.99 3.14
C SER A 45 24.55 12.25 3.75
N THR A 46 23.72 12.99 4.47
CA THR A 46 24.14 14.23 5.11
C THR A 46 23.42 14.46 6.45
N LYS A 47 22.68 13.47 6.92
CA LYS A 47 21.96 13.60 8.18
C LYS A 47 21.57 12.24 8.74
N PRO A 48 20.66 11.51 8.05
CA PRO A 48 20.21 10.19 8.48
C PRO A 48 21.37 9.22 8.69
N VAL A 49 21.98 8.80 7.59
CA VAL A 49 23.11 7.87 7.64
C VAL A 49 24.43 8.62 7.60
N GLN A 50 25.50 7.94 8.03
CA GLN A 50 26.84 8.55 8.05
C GLN A 50 26.80 9.95 8.65
N THR A 51 27.89 10.69 8.49
CA THR A 51 27.98 12.04 9.04
C THR A 51 27.87 12.04 10.55
N SER A 52 28.39 10.99 11.18
CA SER A 52 28.35 10.87 12.63
C SER A 52 29.60 11.48 13.26
N MET A 1 -20.50 -29.39 -7.42
CA MET A 1 -19.66 -28.37 -6.74
C MET A 1 -19.70 -27.03 -7.50
N TRP A 2 -19.19 -27.05 -8.73
CA TRP A 2 -19.16 -25.85 -9.58
C TRP A 2 -18.83 -24.60 -8.77
N ARG A 3 -17.99 -24.76 -7.75
CA ARG A 3 -17.59 -23.64 -6.90
C ARG A 3 -18.81 -22.88 -6.37
N ILE A 4 -19.78 -23.63 -5.86
CA ILE A 4 -21.01 -23.03 -5.32
C ILE A 4 -21.57 -21.99 -6.28
N TRP A 5 -21.33 -22.19 -7.58
CA TRP A 5 -21.80 -21.28 -8.62
C TRP A 5 -20.74 -20.22 -8.94
N GLN A 6 -20.13 -19.66 -7.90
CA GLN A 6 -19.10 -18.64 -8.07
C GLN A 6 -18.47 -18.26 -6.74
N LEU A 7 -18.40 -19.21 -5.81
CA LEU A 7 -17.82 -18.98 -4.50
C LEU A 7 -18.55 -17.85 -3.77
N PHE A 8 -18.19 -16.61 -4.08
CA PHE A 8 -18.83 -15.45 -3.45
C PHE A 8 -19.05 -14.34 -4.47
N ASP A 9 -19.35 -14.75 -5.71
CA ASP A 9 -19.58 -13.79 -6.80
C ASP A 9 -18.26 -13.31 -7.39
N PRO A 10 -18.11 -13.38 -8.73
CA PRO A 10 -16.88 -12.95 -9.41
C PRO A 10 -16.57 -11.48 -9.15
N ARG A 11 -17.61 -10.67 -9.05
CA ARG A 11 -17.44 -9.24 -8.82
C ARG A 11 -17.00 -8.96 -7.39
N GLN A 12 -17.83 -9.34 -6.43
CA GLN A 12 -17.53 -9.12 -5.02
C GLN A 12 -16.23 -9.82 -4.62
N ALA A 13 -16.03 -11.03 -5.11
CA ALA A 13 -14.84 -11.81 -4.81
C ALA A 13 -13.59 -11.15 -5.39
N LEU A 14 -13.68 -10.69 -6.63
CA LEU A 14 -12.55 -10.05 -7.29
C LEU A 14 -12.21 -8.72 -6.63
N VAL A 15 -13.23 -7.91 -6.36
CA VAL A 15 -13.02 -6.61 -5.72
C VAL A 15 -12.61 -6.78 -4.26
N GLY A 16 -12.96 -7.91 -3.67
CA GLY A 16 -12.60 -8.17 -2.28
C GLY A 16 -11.13 -8.50 -2.13
N LEU A 17 -10.70 -9.52 -2.84
CA LEU A 17 -9.31 -9.95 -2.80
C LEU A 17 -8.42 -8.86 -3.36
N ALA A 18 -8.75 -8.45 -4.58
CA ALA A 18 -8.00 -7.42 -5.27
C ALA A 18 -7.86 -6.15 -4.44
N THR A 19 -8.97 -5.60 -3.95
CA THR A 19 -8.93 -4.39 -3.15
C THR A 19 -8.23 -4.64 -1.81
N PHE A 20 -8.47 -5.80 -1.22
CA PHE A 20 -7.86 -6.15 0.06
C PHE A 20 -6.34 -6.13 -0.02
N LEU A 21 -5.79 -6.89 -0.97
CA LEU A 21 -4.34 -6.95 -1.14
C LEU A 21 -3.79 -5.61 -1.60
N PHE A 22 -4.44 -5.02 -2.60
CA PHE A 22 -4.01 -3.73 -3.13
C PHE A 22 -3.91 -2.67 -2.03
N VAL A 23 -5.00 -2.48 -1.30
CA VAL A 23 -5.03 -1.49 -0.23
C VAL A 23 -3.99 -1.78 0.86
N LEU A 24 -3.95 -3.03 1.30
CA LEU A 24 -3.00 -3.42 2.33
C LEU A 24 -1.58 -3.01 1.95
N ALA A 25 -1.04 -3.64 0.91
CA ALA A 25 0.30 -3.33 0.43
C ALA A 25 0.41 -1.88 0.01
N LEU A 26 -0.73 -1.28 -0.35
CA LEU A 26 -0.77 0.10 -0.78
C LEU A 26 -0.40 1.03 0.38
N LEU A 27 -1.10 0.88 1.51
CA LEU A 27 -0.84 1.69 2.69
C LEU A 27 0.57 1.44 3.22
N ILE A 28 0.96 0.16 3.29
CA ILE A 28 2.28 -0.20 3.80
C ILE A 28 3.38 0.36 2.91
N HIS A 29 3.34 0.02 1.63
CA HIS A 29 4.34 0.49 0.68
C HIS A 29 4.33 2.01 0.57
N PHE A 30 3.14 2.59 0.58
CA PHE A 30 2.99 4.04 0.46
C PHE A 30 3.67 4.78 1.60
N ILE A 31 3.41 4.39 2.84
CA ILE A 31 4.01 5.05 3.99
C ILE A 31 5.51 4.80 4.07
N LEU A 32 5.90 3.53 3.99
CA LEU A 32 7.30 3.18 4.07
C LEU A 32 8.09 3.84 2.94
N LEU A 33 7.62 3.67 1.70
CA LEU A 33 8.28 4.28 0.55
C LEU A 33 8.26 5.79 0.66
N SER A 34 7.08 6.36 0.90
CA SER A 34 6.93 7.81 1.04
C SER A 34 7.74 8.33 2.22
N THR A 35 7.27 8.01 3.42
CA THR A 35 7.94 8.46 4.65
C THR A 35 9.46 8.31 4.56
N GLU A 36 9.91 7.20 4.00
CA GLU A 36 11.35 6.95 3.85
C GLU A 36 11.99 7.99 2.94
N ARG A 37 11.37 8.23 1.78
CA ARG A 37 11.89 9.20 0.83
C ARG A 37 11.85 10.61 1.42
N PHE A 38 10.83 10.88 2.22
CA PHE A 38 10.68 12.19 2.85
C PHE A 38 11.85 12.47 3.78
N ASN A 39 11.94 11.68 4.86
CA ASN A 39 13.02 11.85 5.83
C ASN A 39 14.39 11.68 5.17
N TRP A 40 14.40 11.03 4.01
CA TRP A 40 15.63 10.81 3.26
C TRP A 40 16.15 12.12 2.73
N LEU A 41 15.44 12.67 1.76
CA LEU A 41 15.80 13.96 1.20
C LEU A 41 15.66 15.02 2.28
N GLU A 42 14.95 14.67 3.36
CA GLU A 42 14.76 15.58 4.47
C GLU A 42 16.09 15.93 5.12
N GLY A 43 16.68 14.95 5.81
CA GLY A 43 17.95 15.16 6.47
C GLY A 43 19.11 15.23 5.49
N ALA A 44 19.80 14.11 5.32
CA ALA A 44 20.94 14.01 4.41
C ALA A 44 22.23 14.44 5.10
N SER A 45 22.38 15.75 5.31
CA SER A 45 23.56 16.29 5.98
C SER A 45 23.55 15.96 7.46
N THR A 46 22.38 16.09 8.08
CA THR A 46 22.24 15.81 9.50
C THR A 46 21.91 14.33 9.74
N LYS A 47 21.04 13.78 8.88
CA LYS A 47 20.64 12.38 8.98
C LYS A 47 20.15 12.02 10.39
N PRO A 48 19.52 10.85 10.56
CA PRO A 48 19.01 10.40 11.85
C PRO A 48 20.09 10.32 12.92
N VAL A 49 19.72 9.86 14.11
CA VAL A 49 20.67 9.72 15.20
C VAL A 49 21.35 11.04 15.52
N GLN A 50 20.66 12.14 15.23
CA GLN A 50 21.20 13.48 15.48
C GLN A 50 22.65 13.60 15.04
N THR A 51 22.86 13.74 13.74
CA THR A 51 24.22 13.86 13.19
C THR A 51 25.09 12.69 13.62
N SER A 52 24.46 11.54 13.82
CA SER A 52 25.18 10.33 14.23
C SER A 52 25.89 10.55 15.56
N MET A 1 -29.06 -25.61 -6.52
CA MET A 1 -29.24 -24.69 -5.36
C MET A 1 -29.58 -23.27 -5.82
N TRP A 2 -30.26 -23.18 -6.96
CA TRP A 2 -30.65 -21.88 -7.53
C TRP A 2 -29.56 -20.83 -7.34
N ARG A 3 -28.47 -20.98 -8.09
CA ARG A 3 -27.35 -20.04 -8.01
C ARG A 3 -26.79 -19.97 -6.59
N ILE A 4 -27.05 -21.01 -5.80
CA ILE A 4 -26.57 -21.05 -4.42
C ILE A 4 -27.15 -19.89 -3.59
N TRP A 5 -28.14 -19.18 -4.14
CA TRP A 5 -28.79 -18.07 -3.44
C TRP A 5 -28.05 -16.75 -3.68
N GLN A 6 -26.83 -16.81 -4.24
CA GLN A 6 -26.05 -15.61 -4.49
C GLN A 6 -24.76 -15.89 -5.27
N LEU A 7 -24.24 -17.11 -5.14
CA LEU A 7 -23.00 -17.48 -5.81
C LEU A 7 -21.80 -16.78 -5.18
N PHE A 8 -22.03 -16.10 -4.07
CA PHE A 8 -20.98 -15.38 -3.36
C PHE A 8 -20.43 -14.25 -4.24
N ASP A 9 -21.30 -13.69 -5.09
CA ASP A 9 -20.93 -12.60 -5.98
C ASP A 9 -19.51 -12.77 -6.52
N PRO A 10 -19.36 -13.38 -7.72
CA PRO A 10 -18.05 -13.58 -8.34
C PRO A 10 -17.25 -12.29 -8.44
N ARG A 11 -17.85 -11.27 -9.06
CA ARG A 11 -17.20 -9.98 -9.21
C ARG A 11 -16.80 -9.41 -7.86
N GLN A 12 -17.70 -9.55 -6.89
CA GLN A 12 -17.45 -9.06 -5.53
C GLN A 12 -16.22 -9.74 -4.92
N ALA A 13 -16.12 -11.04 -5.15
CA ALA A 13 -14.99 -11.81 -4.62
C ALA A 13 -13.67 -11.38 -5.23
N LEU A 14 -13.64 -11.20 -6.55
CA LEU A 14 -12.42 -10.80 -7.23
C LEU A 14 -12.05 -9.36 -6.89
N VAL A 15 -13.06 -8.50 -6.80
CA VAL A 15 -12.84 -7.10 -6.47
C VAL A 15 -12.43 -6.96 -5.00
N GLY A 16 -12.88 -7.90 -4.18
CA GLY A 16 -12.55 -7.87 -2.76
C GLY A 16 -11.12 -8.27 -2.51
N LEU A 17 -10.74 -9.44 -3.01
CA LEU A 17 -9.38 -9.94 -2.84
C LEU A 17 -8.38 -9.00 -3.51
N ALA A 18 -8.65 -8.65 -4.77
CA ALA A 18 -7.78 -7.76 -5.52
C ALA A 18 -7.61 -6.42 -4.81
N THR A 19 -8.72 -5.83 -4.41
CA THR A 19 -8.68 -4.54 -3.71
C THR A 19 -8.07 -4.70 -2.33
N PHE A 20 -8.26 -5.89 -1.74
CA PHE A 20 -7.72 -6.19 -0.41
C PHE A 20 -6.19 -6.08 -0.40
N LEU A 21 -5.53 -6.90 -1.20
CA LEU A 21 -4.07 -6.88 -1.25
C LEU A 21 -3.56 -5.55 -1.80
N PHE A 22 -4.23 -5.06 -2.85
CA PHE A 22 -3.86 -3.80 -3.47
C PHE A 22 -3.82 -2.66 -2.47
N VAL A 23 -4.93 -2.48 -1.73
CA VAL A 23 -5.03 -1.42 -0.75
C VAL A 23 -4.05 -1.62 0.41
N LEU A 24 -4.06 -2.83 0.97
CA LEU A 24 -3.18 -3.16 2.08
C LEU A 24 -1.72 -2.89 1.75
N ALA A 25 -1.24 -3.54 0.70
CA ALA A 25 0.16 -3.40 0.28
C ALA A 25 0.51 -1.95 -0.05
N LEU A 26 -0.32 -1.29 -0.85
CA LEU A 26 -0.06 0.09 -1.24
C LEU A 26 -0.04 1.02 -0.03
N LEU A 27 -0.99 0.83 0.88
CA LEU A 27 -1.07 1.67 2.08
C LEU A 27 0.20 1.54 2.91
N ILE A 28 0.55 0.31 3.28
CA ILE A 28 1.74 0.07 4.09
C ILE A 28 2.99 0.52 3.35
N HIS A 29 3.19 0.00 2.14
CA HIS A 29 4.35 0.36 1.34
C HIS A 29 4.45 1.87 1.17
N PHE A 30 3.31 2.52 1.00
CA PHE A 30 3.26 3.97 0.83
C PHE A 30 3.73 4.68 2.10
N ILE A 31 3.46 4.08 3.26
CA ILE A 31 3.88 4.68 4.52
C ILE A 31 5.39 4.58 4.69
N LEU A 32 5.94 3.39 4.42
CA LEU A 32 7.38 3.17 4.53
C LEU A 32 8.12 4.00 3.51
N LEU A 33 7.73 3.85 2.25
CA LEU A 33 8.34 4.59 1.16
C LEU A 33 8.22 6.10 1.41
N SER A 34 7.06 6.51 1.92
CA SER A 34 6.82 7.91 2.23
C SER A 34 7.80 8.40 3.29
N THR A 35 7.90 7.65 4.39
CA THR A 35 8.79 8.02 5.48
C THR A 35 10.24 8.09 5.01
N GLU A 36 10.66 7.08 4.25
CA GLU A 36 12.03 7.04 3.73
C GLU A 36 12.29 8.20 2.79
N ARG A 37 11.34 8.47 1.91
CA ARG A 37 11.47 9.57 0.96
C ARG A 37 11.52 10.92 1.68
N PHE A 38 10.69 11.05 2.71
CA PHE A 38 10.64 12.28 3.49
C PHE A 38 11.98 12.56 4.14
N ASN A 39 12.39 11.69 5.06
CA ASN A 39 13.67 11.84 5.75
C ASN A 39 14.84 11.83 4.76
N TRP A 40 14.57 11.31 3.57
CA TRP A 40 15.58 11.26 2.50
C TRP A 40 15.91 12.66 2.04
N LEU A 41 14.95 13.26 1.34
CA LEU A 41 15.12 14.62 0.88
C LEU A 41 15.22 15.55 2.08
N GLU A 42 14.82 15.04 3.25
CA GLU A 42 14.87 15.80 4.47
C GLU A 42 16.30 16.18 4.82
N GLY A 43 17.09 15.17 5.19
CA GLY A 43 18.48 15.40 5.53
C GLY A 43 19.28 14.11 5.64
N ALA A 44 18.84 13.22 6.54
CA ALA A 44 19.49 11.93 6.75
C ALA A 44 20.63 12.04 7.76
N SER A 45 20.63 13.12 8.54
CA SER A 45 21.67 13.33 9.54
C SER A 45 23.00 13.62 8.89
N THR A 46 22.95 14.29 7.74
CA THR A 46 24.16 14.64 7.00
C THR A 46 23.98 15.93 6.22
N LYS A 47 22.77 16.17 5.72
CA LYS A 47 22.49 17.37 4.95
C LYS A 47 22.36 18.59 5.86
N PRO A 48 21.38 18.58 6.78
CA PRO A 48 21.15 19.69 7.72
C PRO A 48 22.27 19.80 8.76
N VAL A 49 23.12 20.80 8.60
CA VAL A 49 24.22 21.02 9.52
C VAL A 49 24.51 22.51 9.71
N GLN A 50 23.44 23.31 9.72
CA GLN A 50 23.57 24.76 9.88
C GLN A 50 24.68 25.33 9.00
N THR A 51 24.37 25.50 7.71
CA THR A 51 25.35 26.02 6.77
C THR A 51 24.64 26.61 5.55
N SER A 52 24.15 25.74 4.68
CA SER A 52 23.45 26.18 3.47
C SER A 52 22.40 25.16 3.05
N MET A 1 -27.43 -21.93 -4.22
CA MET A 1 -28.02 -21.19 -3.06
C MET A 1 -27.86 -19.69 -3.25
N TRP A 2 -28.80 -19.09 -3.96
CA TRP A 2 -28.80 -17.65 -4.23
C TRP A 2 -27.39 -17.12 -4.48
N ARG A 3 -26.82 -17.49 -5.62
CA ARG A 3 -25.48 -17.07 -5.99
C ARG A 3 -24.49 -17.30 -4.84
N ILE A 4 -24.73 -18.36 -4.08
CA ILE A 4 -23.87 -18.70 -2.95
C ILE A 4 -23.65 -17.49 -2.04
N TRP A 5 -24.75 -16.89 -1.59
CA TRP A 5 -24.71 -15.71 -0.71
C TRP A 5 -23.50 -14.82 -1.03
N GLN A 6 -23.19 -14.68 -2.32
CA GLN A 6 -22.06 -13.86 -2.77
C GLN A 6 -20.89 -13.92 -1.80
N LEU A 7 -20.68 -15.09 -1.20
CA LEU A 7 -19.58 -15.27 -0.25
C LEU A 7 -18.28 -15.60 -0.98
N PHE A 8 -18.40 -16.33 -2.09
CA PHE A 8 -17.23 -16.72 -2.87
C PHE A 8 -17.51 -16.59 -4.36
N ASP A 9 -18.24 -15.54 -4.74
CA ASP A 9 -18.58 -15.31 -6.13
C ASP A 9 -17.35 -14.85 -6.93
N PRO A 10 -17.39 -14.96 -8.26
CA PRO A 10 -16.28 -14.56 -9.12
C PRO A 10 -16.00 -13.06 -9.06
N ARG A 11 -17.05 -12.25 -9.24
CA ARG A 11 -16.91 -10.81 -9.20
C ARG A 11 -16.68 -10.31 -7.78
N GLN A 12 -17.52 -10.78 -6.86
CA GLN A 12 -17.41 -10.38 -5.46
C GLN A 12 -16.05 -10.73 -4.89
N ALA A 13 -15.65 -11.99 -5.04
CA ALA A 13 -14.35 -12.45 -4.54
C ALA A 13 -13.21 -11.73 -5.23
N LEU A 14 -13.38 -11.45 -6.52
CA LEU A 14 -12.35 -10.75 -7.29
C LEU A 14 -12.19 -9.33 -6.78
N VAL A 15 -13.31 -8.68 -6.49
CA VAL A 15 -13.29 -7.32 -5.98
C VAL A 15 -12.67 -7.29 -4.57
N GLY A 16 -12.74 -8.43 -3.89
CA GLY A 16 -12.16 -8.53 -2.56
C GLY A 16 -10.66 -8.58 -2.60
N LEU A 17 -10.14 -9.45 -3.46
CA LEU A 17 -8.69 -9.59 -3.62
C LEU A 17 -8.09 -8.28 -4.11
N ALA A 18 -8.59 -7.82 -5.24
CA ALA A 18 -8.11 -6.59 -5.85
C ALA A 18 -8.15 -5.42 -4.86
N THR A 19 -9.31 -5.25 -4.22
CA THR A 19 -9.46 -4.17 -3.24
C THR A 19 -8.59 -4.42 -2.01
N PHE A 20 -8.40 -5.69 -1.69
CA PHE A 20 -7.58 -6.08 -0.55
C PHE A 20 -6.15 -5.59 -0.68
N LEU A 21 -5.40 -6.16 -1.62
CA LEU A 21 -4.01 -5.76 -1.83
C LEU A 21 -3.93 -4.29 -2.26
N PHE A 22 -4.94 -3.84 -3.00
CA PHE A 22 -4.98 -2.45 -3.45
C PHE A 22 -4.96 -1.49 -2.27
N VAL A 23 -5.95 -1.63 -1.39
CA VAL A 23 -6.07 -0.79 -0.22
C VAL A 23 -4.91 -1.00 0.74
N LEU A 24 -4.66 -2.25 1.11
CA LEU A 24 -3.58 -2.61 2.01
C LEU A 24 -2.26 -2.00 1.55
N ALA A 25 -1.87 -2.33 0.33
CA ALA A 25 -0.63 -1.84 -0.24
C ALA A 25 -0.59 -0.32 -0.30
N LEU A 26 -1.75 0.31 -0.52
CA LEU A 26 -1.80 1.77 -0.60
C LEU A 26 -1.44 2.41 0.74
N LEU A 27 -2.09 1.98 1.81
CA LEU A 27 -1.80 2.55 3.14
C LEU A 27 -0.40 2.19 3.59
N ILE A 28 -0.04 0.91 3.48
CA ILE A 28 1.28 0.45 3.89
C ILE A 28 2.37 1.15 3.08
N HIS A 29 2.31 0.99 1.76
CA HIS A 29 3.29 1.61 0.88
C HIS A 29 3.38 3.11 1.12
N PHE A 30 2.24 3.71 1.46
CA PHE A 30 2.19 5.14 1.74
C PHE A 30 3.03 5.48 2.96
N ILE A 31 3.00 4.62 3.97
CA ILE A 31 3.77 4.85 5.19
C ILE A 31 5.26 4.65 4.94
N LEU A 32 5.62 3.55 4.28
CA LEU A 32 7.03 3.26 3.98
C LEU A 32 7.60 4.31 3.05
N LEU A 33 6.93 4.53 1.92
CA LEU A 33 7.37 5.50 0.95
C LEU A 33 7.47 6.89 1.59
N SER A 34 6.49 7.19 2.44
CA SER A 34 6.44 8.48 3.14
C SER A 34 7.68 8.65 4.03
N THR A 35 7.89 7.71 4.94
CA THR A 35 9.01 7.76 5.86
C THR A 35 10.35 7.76 5.11
N GLU A 36 10.49 6.82 4.18
CA GLU A 36 11.69 6.70 3.40
C GLU A 36 11.95 7.94 2.56
N ARG A 37 10.87 8.53 2.05
CA ARG A 37 10.97 9.74 1.24
C ARG A 37 11.52 10.89 2.07
N PHE A 38 10.99 11.05 3.27
CA PHE A 38 11.44 12.11 4.16
C PHE A 38 12.92 11.94 4.49
N ASN A 39 13.26 10.81 5.11
CA ASN A 39 14.64 10.51 5.46
C ASN A 39 15.53 10.46 4.22
N TRP A 40 14.89 10.29 3.05
CA TRP A 40 15.62 10.23 1.79
C TRP A 40 16.19 11.60 1.48
N LEU A 41 15.31 12.54 1.15
CA LEU A 41 15.72 13.89 0.88
C LEU A 41 16.33 14.48 2.15
N GLU A 42 16.08 13.82 3.29
CA GLU A 42 16.61 14.27 4.56
C GLU A 42 18.14 14.20 4.56
N GLY A 43 18.66 12.98 4.57
CA GLY A 43 20.09 12.78 4.58
C GLY A 43 20.74 13.06 3.23
N ALA A 44 19.93 13.37 2.22
CA ALA A 44 20.44 13.65 0.89
C ALA A 44 21.24 14.94 0.89
N SER A 45 20.86 15.88 1.76
CA SER A 45 21.54 17.17 1.86
C SER A 45 22.89 17.05 2.57
N THR A 46 23.27 15.85 2.99
CA THR A 46 24.53 15.65 3.68
C THR A 46 25.14 14.29 3.36
N LYS A 47 24.35 13.24 3.50
CA LYS A 47 24.81 11.88 3.22
C LYS A 47 25.93 11.47 4.19
N PRO A 48 26.23 10.17 4.27
CA PRO A 48 27.28 9.65 5.16
C PRO A 48 28.65 10.20 4.81
N VAL A 49 29.09 9.97 3.57
CA VAL A 49 30.39 10.44 3.12
C VAL A 49 30.35 10.83 1.65
N GLN A 50 29.91 9.91 0.80
CA GLN A 50 29.82 10.15 -0.63
C GLN A 50 31.19 10.05 -1.28
N THR A 51 31.27 9.35 -2.42
CA THR A 51 32.52 9.19 -3.13
C THR A 51 32.83 10.42 -3.98
N SER A 52 33.39 11.44 -3.35
CA SER A 52 33.74 12.68 -4.05
C SER A 52 34.95 13.34 -3.41
#